data_5HQH
#
_entry.id   5HQH
#
_cell.length_a   22.577
_cell.length_b   28.819
_cell.length_c   59.733
_cell.angle_alpha   90.00
_cell.angle_beta   95.65
_cell.angle_gamma   90.00
#
_symmetry.space_group_name_H-M   'P 1 21 1'
#
loop_
_entity.id
_entity.type
_entity.pdbx_description
1 polymer 'Lmo2119 protein'
2 non-polymer 'CHLORIDE ION'
3 non-polymer 'SULFATE ION'
4 water water
#
_entity_poly.entity_id   1
_entity_poly.type   'polypeptide(L)'
_entity_poly.pdbx_seq_one_letter_code
;SNATTSSSDSEVIENVPVKVYYDKTNLYISGIPETVTVTLSGPRSIVQSAKAQQDFTVYADLKNASIGTQEVKLQVKDVS
DRLKVKVNPATVNVNVQEKVTKKFSVDVE
;
_entity_poly.pdbx_strand_id   A
#
# COMPACT_ATOMS: atom_id res chain seq x y z
N SER A 8 18.23 -17.44 7.76
CA SER A 8 17.13 -16.43 7.68
C SER A 8 17.68 -15.02 7.80
N ASP A 9 17.07 -14.11 7.07
CA ASP A 9 17.51 -12.73 6.96
C ASP A 9 16.30 -11.82 7.14
N SER A 10 16.55 -10.56 7.49
N SER A 10 16.56 -10.55 7.42
CA SER A 10 15.48 -9.56 7.69
CA SER A 10 15.50 -9.59 7.55
C SER A 10 15.97 -8.15 7.35
C SER A 10 16.02 -8.21 7.18
N GLU A 11 15.11 -7.37 6.69
CA GLU A 11 15.41 -6.01 6.30
C GLU A 11 14.20 -5.13 6.55
N VAL A 12 14.43 -3.95 7.12
CA VAL A 12 13.40 -2.93 7.29
C VAL A 12 13.71 -1.88 6.23
N ILE A 13 12.77 -1.68 5.33
CA ILE A 13 12.95 -0.80 4.19
C ILE A 13 12.06 0.42 4.39
N GLU A 14 12.69 1.58 4.40
CA GLU A 14 11.99 2.83 4.61
C GLU A 14 11.58 3.47 3.28
N ASN A 15 10.57 4.33 3.37
CA ASN A 15 10.16 5.18 2.26
C ASN A 15 9.69 4.42 1.03
N VAL A 16 8.95 3.35 1.28
CA VAL A 16 8.39 2.54 0.20
C VAL A 16 7.08 3.18 -0.27
N PRO A 17 6.92 3.43 -1.57
CA PRO A 17 5.68 4.07 -2.03
C PRO A 17 4.46 3.18 -1.88
N VAL A 18 3.31 3.82 -1.75
CA VAL A 18 2.03 3.12 -1.70
C VAL A 18 1.18 3.49 -2.91
N LYS A 19 0.81 2.49 -3.70
CA LYS A 19 -0.06 2.66 -4.84
C LYS A 19 -1.49 2.62 -4.32
N VAL A 20 -2.41 3.30 -5.02
N VAL A 20 -2.38 3.30 -5.03
CA VAL A 20 -3.81 3.36 -4.62
CA VAL A 20 -3.78 3.29 -4.67
C VAL A 20 -4.69 3.09 -5.84
C VAL A 20 -4.55 2.93 -5.93
N TYR A 21 -5.55 2.07 -5.73
CA TYR A 21 -6.40 1.61 -6.80
C TYR A 21 -7.85 1.89 -6.47
N TYR A 22 -8.56 2.47 -7.44
CA TYR A 22 -9.95 2.89 -7.26
C TYR A 22 -10.51 3.43 -8.55
N ASP A 23 -11.77 3.83 -8.53
CA ASP A 23 -12.43 4.46 -9.68
C ASP A 23 -11.92 5.89 -9.81
N LYS A 24 -10.89 6.03 -10.65
N LYS A 24 -10.88 6.06 -10.62
CA LYS A 24 -10.26 7.32 -10.90
CA LYS A 24 -10.32 7.39 -10.80
C LYS A 24 -11.10 8.20 -11.79
C LYS A 24 -11.10 8.22 -11.80
N THR A 25 -12.07 7.63 -12.48
CA THR A 25 -12.94 8.42 -13.32
C THR A 25 -13.84 9.33 -12.48
N ASN A 26 -14.47 8.74 -11.46
CA ASN A 26 -15.41 9.49 -10.60
C ASN A 26 -14.88 10.02 -9.29
N LEU A 27 -13.83 9.42 -8.78
CA LEU A 27 -13.37 9.69 -7.43
C LEU A 27 -11.95 10.22 -7.35
N TYR A 28 -11.65 10.86 -6.20
CA TYR A 28 -10.29 11.24 -5.81
C TYR A 28 -10.13 10.84 -4.36
N ILE A 29 -9.03 10.19 -4.01
N ILE A 29 -9.02 10.20 -4.02
CA ILE A 29 -8.87 9.69 -2.62
CA ILE A 29 -8.79 9.84 -2.64
C ILE A 29 -7.67 10.35 -1.95
C ILE A 29 -7.68 10.66 -2.04
N SER A 30 -7.90 11.00 -0.79
CA SER A 30 -6.89 11.67 -0.01
C SER A 30 -6.73 10.86 1.28
N GLY A 31 -5.65 11.15 1.99
CA GLY A 31 -5.39 10.51 3.27
C GLY A 31 -4.39 9.34 3.30
N ILE A 32 -4.11 8.72 2.19
N ILE A 32 -4.20 8.67 2.14
CA ILE A 32 -3.14 7.63 2.26
CA ILE A 32 -3.25 7.53 1.97
C ILE A 32 -1.70 8.20 2.30
C ILE A 32 -1.81 8.05 1.97
N PRO A 33 -0.84 7.69 3.20
N PRO A 33 -0.96 7.50 2.86
CA PRO A 33 0.54 8.18 3.14
CA PRO A 33 0.42 7.96 2.98
C PRO A 33 1.18 7.83 1.80
C PRO A 33 1.16 7.78 1.67
N GLU A 34 2.04 8.72 1.31
CA GLU A 34 2.80 8.49 0.06
C GLU A 34 3.84 7.39 0.26
N THR A 35 4.35 7.23 1.47
CA THR A 35 5.33 6.16 1.73
C THR A 35 5.11 5.52 3.07
N VAL A 36 5.61 4.28 3.21
CA VAL A 36 5.53 3.49 4.42
C VAL A 36 6.82 2.73 4.64
N THR A 37 6.89 2.05 5.78
CA THR A 37 8.03 1.20 6.08
C THR A 37 7.64 -0.26 5.94
N VAL A 38 8.44 -1.04 5.22
CA VAL A 38 8.14 -2.46 4.99
C VAL A 38 9.20 -3.33 5.60
N THR A 39 8.78 -4.34 6.36
CA THR A 39 9.72 -5.29 6.93
C THR A 39 9.56 -6.63 6.21
N LEU A 40 10.69 -7.17 5.75
CA LEU A 40 10.77 -8.44 5.01
C LEU A 40 11.62 -9.41 5.77
N SER A 41 11.20 -10.67 5.84
CA SER A 41 12.04 -11.71 6.45
C SER A 41 11.91 -13.00 5.66
N GLY A 42 12.98 -13.76 5.58
CA GLY A 42 12.97 -15.02 4.83
C GLY A 42 14.37 -15.39 4.41
N PRO A 43 14.48 -16.24 3.37
CA PRO A 43 15.79 -16.68 2.90
C PRO A 43 16.63 -15.51 2.43
N ARG A 44 17.89 -15.49 2.83
CA ARG A 44 18.79 -14.39 2.51
C ARG A 44 18.80 -13.92 1.07
N SER A 45 18.89 -14.84 0.11
CA SER A 45 18.99 -14.44 -1.27
C SER A 45 17.74 -13.69 -1.73
N ILE A 46 16.58 -14.17 -1.28
CA ILE A 46 15.30 -13.59 -1.65
C ILE A 46 15.07 -12.25 -0.97
N VAL A 47 15.40 -12.16 0.33
CA VAL A 47 15.31 -10.87 1.04
C VAL A 47 16.21 -9.81 0.37
N GLN A 48 17.44 -10.21 0.08
CA GLN A 48 18.37 -9.26 -0.49
C GLN A 48 17.98 -8.82 -1.91
N SER A 49 17.43 -9.72 -2.72
N SER A 49 17.43 -9.73 -2.72
CA SER A 49 16.98 -9.34 -4.06
CA SER A 49 16.99 -9.36 -4.05
C SER A 49 15.82 -8.37 -3.95
C SER A 49 15.82 -8.38 -3.95
N ALA A 50 14.92 -8.61 -2.99
CA ALA A 50 13.75 -7.74 -2.83
C ALA A 50 14.20 -6.36 -2.37
N LYS A 51 15.18 -6.31 -1.48
CA LYS A 51 15.73 -5.01 -1.07
C LYS A 51 16.42 -4.29 -2.22
N ALA A 52 17.21 -5.02 -3.00
CA ALA A 52 17.96 -4.41 -4.10
C ALA A 52 17.06 -3.85 -5.20
N GLN A 53 16.06 -4.63 -5.59
N GLN A 53 16.04 -4.61 -5.57
CA GLN A 53 15.18 -4.25 -6.71
CA GLN A 53 15.18 -4.22 -6.68
C GLN A 53 13.89 -3.55 -6.30
C GLN A 53 13.92 -3.48 -6.27
N GLN A 54 13.46 -3.74 -5.04
CA GLN A 54 12.21 -3.17 -4.52
C GLN A 54 11.07 -3.33 -5.51
N ASP A 55 10.97 -4.53 -6.03
CA ASP A 55 9.99 -4.84 -7.06
C ASP A 55 8.66 -5.34 -6.53
N PHE A 56 8.52 -5.41 -5.21
CA PHE A 56 7.22 -5.68 -4.59
C PHE A 56 6.44 -4.38 -4.60
N THR A 57 5.13 -4.49 -4.41
CA THR A 57 4.21 -3.36 -4.52
C THR A 57 3.31 -3.30 -3.32
N VAL A 58 3.38 -2.19 -2.55
CA VAL A 58 2.47 -1.95 -1.44
C VAL A 58 1.30 -1.14 -2.00
N TYR A 59 0.09 -1.56 -1.66
CA TYR A 59 -1.09 -0.90 -2.20
C TYR A 59 -2.28 -0.85 -1.25
N ALA A 60 -3.10 0.18 -1.49
CA ALA A 60 -4.40 0.34 -0.87
C ALA A 60 -5.41 0.09 -2.01
N ASP A 61 -6.23 -0.95 -1.86
CA ASP A 61 -7.25 -1.25 -2.87
C ASP A 61 -8.59 -0.72 -2.43
N LEU A 62 -9.02 0.35 -3.07
N LEU A 62 -9.01 0.38 -3.04
CA LEU A 62 -10.28 1.00 -2.76
CA LEU A 62 -10.30 1.00 -2.72
C LEU A 62 -11.27 0.87 -3.90
C LEU A 62 -11.32 0.82 -3.83
N LYS A 63 -11.12 -0.18 -4.70
CA LYS A 63 -12.02 -0.38 -5.83
C LYS A 63 -13.46 -0.58 -5.46
N ASN A 64 -13.74 -1.15 -4.31
CA ASN A 64 -15.13 -1.35 -3.93
C ASN A 64 -15.63 -0.33 -2.89
N ALA A 65 -14.91 0.77 -2.73
CA ALA A 65 -15.25 1.73 -1.71
C ALA A 65 -16.42 2.58 -2.13
N SER A 66 -17.21 2.97 -1.14
CA SER A 66 -18.25 3.93 -1.35
C SER A 66 -17.67 5.28 -0.93
N ILE A 67 -18.37 6.30 -1.37
CA ILE A 67 -17.97 7.66 -1.15
C ILE A 67 -17.99 7.92 0.32
N GLY A 68 -16.93 8.55 0.79
CA GLY A 68 -16.86 8.97 2.16
C GLY A 68 -15.63 8.49 2.88
N THR A 69 -15.67 8.58 4.17
CA THR A 69 -14.50 8.28 5.01
C THR A 69 -14.50 6.81 5.46
N GLN A 70 -13.31 6.22 5.58
CA GLN A 70 -13.16 4.82 5.98
C GLN A 70 -11.71 4.54 6.31
N GLU A 71 -11.40 3.28 6.56
CA GLU A 71 -10.04 2.80 6.82
C GLU A 71 -9.75 1.64 5.89
N VAL A 72 -8.48 1.46 5.58
CA VAL A 72 -8.07 0.41 4.64
C VAL A 72 -6.75 -0.22 5.06
N LYS A 73 -6.70 -1.56 5.04
CA LYS A 73 -5.45 -2.27 5.34
C LYS A 73 -4.59 -2.32 4.05
N LEU A 74 -3.32 -2.00 4.21
CA LEU A 74 -2.36 -2.05 3.11
C LEU A 74 -1.94 -3.47 2.80
N GLN A 75 -1.86 -3.75 1.50
CA GLN A 75 -1.52 -5.09 0.99
C GLN A 75 -0.19 -5.05 0.27
N VAL A 76 0.37 -6.23 0.00
CA VAL A 76 1.63 -6.35 -0.72
C VAL A 76 1.48 -7.44 -1.79
N LYS A 77 1.91 -7.11 -3.00
N LYS A 77 1.91 -7.11 -3.00
CA LYS A 77 1.89 -8.07 -4.12
CA LYS A 77 1.87 -8.05 -4.11
C LYS A 77 3.22 -7.97 -4.85
C LYS A 77 3.20 -7.96 -4.85
N ASP A 78 3.37 -8.81 -5.85
CA ASP A 78 4.59 -8.89 -6.66
C ASP A 78 5.80 -9.22 -5.74
N VAL A 79 5.57 -10.11 -4.79
CA VAL A 79 6.56 -10.41 -3.74
C VAL A 79 6.69 -11.92 -3.64
N SER A 80 7.92 -12.41 -3.44
CA SER A 80 8.15 -13.84 -3.32
C SER A 80 7.30 -14.49 -2.26
N ASP A 81 6.82 -15.69 -2.55
CA ASP A 81 6.03 -16.45 -1.58
C ASP A 81 6.86 -16.98 -0.40
N ARG A 82 8.18 -16.84 -0.46
N ARG A 82 8.18 -16.85 -0.45
CA ARG A 82 9.06 -17.29 0.61
CA ARG A 82 9.03 -17.30 0.65
C ARG A 82 9.34 -16.20 1.64
C ARG A 82 9.20 -16.24 1.72
N LEU A 83 8.78 -15.01 1.44
CA LEU A 83 8.95 -13.90 2.40
C LEU A 83 7.77 -13.66 3.33
N LYS A 84 8.08 -13.27 4.56
CA LYS A 84 7.06 -12.77 5.51
C LYS A 84 7.18 -11.26 5.37
N VAL A 85 6.04 -10.58 5.24
CA VAL A 85 6.05 -9.14 5.02
C VAL A 85 5.06 -8.43 5.92
N LYS A 86 5.47 -7.29 6.46
CA LYS A 86 4.52 -6.44 7.21
C LYS A 86 4.79 -4.99 6.86
N VAL A 87 3.76 -4.18 6.98
CA VAL A 87 3.81 -2.82 6.55
C VAL A 87 3.46 -1.94 7.75
N ASN A 88 4.17 -0.83 7.91
CA ASN A 88 3.93 0.12 9.00
C ASN A 88 3.75 1.51 8.41
N PRO A 89 2.58 2.13 8.52
CA PRO A 89 1.39 1.62 9.21
C PRO A 89 0.67 0.49 8.46
N ALA A 90 0.05 -0.42 9.19
CA ALA A 90 -0.67 -1.55 8.55
C ALA A 90 -2.00 -1.14 7.96
N THR A 91 -2.65 -0.16 8.57
N THR A 91 -2.70 -0.23 8.64
CA THR A 91 -3.94 0.28 8.14
CA THR A 91 -4.02 0.27 8.21
C THR A 91 -3.89 1.80 8.15
C THR A 91 -4.06 1.80 8.29
N VAL A 92 -4.67 2.42 7.29
CA VAL A 92 -4.73 3.90 7.16
C VAL A 92 -6.12 4.42 6.94
N ASN A 93 -6.34 5.69 7.35
N ASN A 93 -6.38 5.67 7.31
CA ASN A 93 -7.61 6.38 7.13
CA ASN A 93 -7.69 6.26 7.02
C ASN A 93 -7.62 6.97 5.73
C ASN A 93 -7.62 6.83 5.60
N VAL A 94 -8.77 6.86 5.09
N VAL A 94 -8.75 7.26 5.06
CA VAL A 94 -8.93 7.39 3.75
CA VAL A 94 -8.78 7.80 3.69
C VAL A 94 -10.21 8.15 3.68
C VAL A 94 -10.14 8.43 3.46
N ASN A 95 -10.19 9.10 2.74
N ASN A 95 -10.20 9.48 2.64
CA ASN A 95 -11.31 9.94 2.44
CA ASN A 95 -11.45 10.12 2.40
C ASN A 95 -11.53 9.77 0.94
C ASN A 95 -11.70 10.01 0.91
N VAL A 96 -12.66 9.15 0.59
CA VAL A 96 -13.00 8.86 -0.78
C VAL A 96 -13.98 9.91 -1.20
N GLN A 97 -13.55 10.80 -2.09
N GLN A 97 -13.51 10.81 -2.07
CA GLN A 97 -14.40 11.89 -2.49
CA GLN A 97 -14.26 11.97 -2.52
C GLN A 97 -14.80 11.84 -3.94
C GLN A 97 -14.81 11.78 -3.92
N GLU A 98 -15.97 12.34 -4.23
CA GLU A 98 -16.44 12.42 -5.59
C GLU A 98 -15.74 13.63 -6.19
N LYS A 99 -15.27 13.47 -7.41
CA LYS A 99 -14.65 14.60 -8.15
C LYS A 99 -15.62 15.73 -8.40
N VAL A 100 -16.89 15.39 -8.61
CA VAL A 100 -17.93 16.43 -8.80
C VAL A 100 -18.68 16.68 -7.51
N THR A 101 -19.22 17.88 -7.38
CA THR A 101 -19.94 18.28 -6.18
C THR A 101 -21.43 18.36 -6.51
N LYS A 102 -22.28 17.90 -5.60
CA LYS A 102 -23.75 17.92 -5.75
C LYS A 102 -24.39 18.99 -4.86
N LYS A 103 -23.58 19.82 -4.23
CA LYS A 103 -24.11 20.84 -3.33
C LYS A 103 -24.41 22.11 -4.10
#